data_8GAJ
#
_entry.id   8GAJ
#
_cell.length_a   44.950
_cell.length_b   61.830
_cell.length_c   150.330
_cell.angle_alpha   90.000
_cell.angle_beta   90.000
_cell.angle_gamma   90.000
#
_symmetry.space_group_name_H-M   'P 21 21 21'
#
loop_
_entity.id
_entity.type
_entity.pdbx_description
1 polymer 'Lipopolysaccharide export system protein LptA'
2 polymer Thanatin
3 water water
#
loop_
_entity_poly.entity_id
_entity_poly.type
_entity_poly.pdbx_seq_one_letter_code
_entity_poly.pdbx_strand_id
1 'polypeptide(L)'
;VTGDTDQPIHIESDQQSLDMQGNVVTFTGNVIVTQGTIKINADKVVVTRPGGEQGKEVIDGYGKPATFYQMQDNGKPVEG
HASQMHYELAKDFVVLTGNAYLQQVDSNIKGDKITYLVKEQKMQAFSDKGKR
;
A,C
2 'polypeptide(L)' GSKKPVPIIYCNRRTGKCQRM B,D
#
# COMPACT_ATOMS: atom_id res chain seq x y z
N VAL A 1 8.54 10.32 14.44
CA VAL A 1 8.48 11.39 15.43
C VAL A 1 9.74 11.38 16.28
N THR A 2 10.00 12.49 16.96
CA THR A 2 11.11 12.57 17.91
C THR A 2 11.01 11.44 18.92
N GLY A 3 12.12 10.72 19.10
CA GLY A 3 12.19 9.63 20.05
C GLY A 3 11.99 8.25 19.46
N ASP A 4 11.53 8.14 18.20
CA ASP A 4 11.28 6.83 17.59
C ASP A 4 12.50 5.92 17.68
N THR A 5 13.67 6.45 17.32
CA THR A 5 14.87 5.61 17.26
C THR A 5 15.44 5.29 18.64
N ASP A 6 14.78 5.75 19.72
CA ASP A 6 15.11 5.34 21.08
C ASP A 6 14.18 4.25 21.59
N GLN A 7 13.22 3.80 20.79
CA GLN A 7 12.24 2.82 21.22
C GLN A 7 12.72 1.41 20.92
N PRO A 8 12.20 0.42 21.65
CA PRO A 8 12.50 -0.98 21.31
C PRO A 8 11.99 -1.34 19.93
N ILE A 9 12.68 -2.31 19.31
CA ILE A 9 12.30 -2.82 18.00
C ILE A 9 11.58 -4.14 18.19
N HIS A 10 10.38 -4.23 17.61
CA HIS A 10 9.51 -5.40 17.76
C HIS A 10 9.28 -6.01 16.38
N ILE A 11 9.45 -7.33 16.29
CA ILE A 11 9.32 -8.06 15.03
C ILE A 11 8.34 -9.21 15.20
N GLU A 12 7.34 -9.26 14.33
CA GLU A 12 6.36 -10.33 14.29
C GLU A 12 6.44 -11.03 12.95
N SER A 13 6.38 -12.37 12.96
CA SER A 13 6.51 -13.12 11.71
C SER A 13 5.89 -14.49 11.87
N ASP A 14 5.70 -15.15 10.73
CA ASP A 14 5.18 -16.52 10.72
C ASP A 14 6.25 -17.54 11.09
N GLN A 15 7.47 -17.37 10.59
CA GLN A 15 8.58 -18.29 10.85
C GLN A 15 9.83 -17.51 11.22
N GLN A 16 10.70 -18.16 11.98
CA GLN A 16 11.90 -17.53 12.53
C GLN A 16 13.05 -18.53 12.53
N SER A 17 14.10 -18.25 11.77
CA SER A 17 15.31 -19.08 11.74
C SER A 17 16.40 -18.36 12.51
N LEU A 18 16.86 -18.98 13.59
CA LEU A 18 17.96 -18.44 14.38
C LEU A 18 19.26 -19.11 13.93
N ASP A 19 20.18 -18.32 13.39
CA ASP A 19 21.51 -18.84 13.11
C ASP A 19 22.21 -19.21 14.41
N MET A 20 22.84 -20.40 14.44
CA MET A 20 23.25 -20.95 15.72
C MET A 20 24.44 -20.21 16.33
N GLN A 21 25.13 -19.36 15.57
CA GLN A 21 26.15 -18.51 16.16
C GLN A 21 25.56 -17.32 16.90
N GLY A 22 24.26 -17.11 16.82
CA GLY A 22 23.57 -16.14 17.65
C GLY A 22 23.56 -14.71 17.16
N ASN A 23 24.23 -14.41 16.04
CA ASN A 23 24.34 -13.05 15.55
C ASN A 23 23.43 -12.75 14.36
N VAL A 24 22.65 -13.73 13.89
CA VAL A 24 21.76 -13.54 12.75
C VAL A 24 20.44 -14.25 13.04
N VAL A 25 19.33 -13.55 12.83
CA VAL A 25 18.00 -14.14 12.91
C VAL A 25 17.25 -13.76 11.64
N THR A 26 16.60 -14.75 11.03
CA THR A 26 15.91 -14.57 9.75
C THR A 26 14.42 -14.81 9.95
N PHE A 27 13.61 -13.84 9.53
CA PHE A 27 12.16 -13.88 9.68
C PHE A 27 11.51 -13.95 8.31
N THR A 28 10.43 -14.71 8.21
CA THR A 28 9.75 -14.86 6.93
C THR A 28 8.25 -15.03 7.19
N GLY A 29 7.44 -14.60 6.23
CA GLY A 29 6.00 -14.71 6.34
C GLY A 29 5.33 -13.57 7.07
N ASN A 30 4.87 -12.57 6.32
CA ASN A 30 4.14 -11.42 6.85
C ASN A 30 4.86 -10.80 8.05
N VAL A 31 6.10 -10.36 7.79
CA VAL A 31 6.94 -9.83 8.85
C VAL A 31 6.61 -8.37 9.10
N ILE A 32 6.50 -8.00 10.36
CA ILE A 32 6.15 -6.64 10.75
C ILE A 32 7.18 -6.16 11.76
N VAL A 33 7.96 -5.15 11.39
CA VAL A 33 8.96 -4.54 12.26
C VAL A 33 8.45 -3.18 12.69
N THR A 34 8.38 -2.95 13.99
CA THR A 34 7.89 -1.68 14.51
C THR A 34 8.88 -1.11 15.51
N GLN A 35 9.10 0.20 15.41
CA GLN A 35 9.92 0.93 16.39
C GLN A 35 9.27 2.29 16.59
N GLY A 36 8.48 2.43 17.67
CA GLY A 36 7.69 3.63 17.82
C GLY A 36 6.68 3.70 16.70
N THR A 37 6.65 4.82 15.98
CA THR A 37 5.73 4.93 14.85
C THR A 37 6.31 4.32 13.56
N ILE A 38 7.59 3.97 13.53
CA ILE A 38 8.16 3.34 12.35
C ILE A 38 7.56 1.95 12.17
N LYS A 39 7.23 1.59 10.94
CA LYS A 39 6.66 0.28 10.67
C LYS A 39 7.14 -0.21 9.31
N ILE A 40 7.76 -1.38 9.28
CA ILE A 40 8.23 -2.02 8.06
C ILE A 40 7.48 -3.34 7.87
N ASN A 41 6.99 -3.58 6.66
CA ASN A 41 6.33 -4.82 6.28
C ASN A 41 7.13 -5.47 5.15
N ALA A 42 7.46 -6.74 5.31
CA ALA A 42 8.23 -7.44 4.29
C ALA A 42 7.93 -8.93 4.35
N ASP A 43 8.17 -9.61 3.22
CA ASP A 43 8.05 -11.07 3.20
C ASP A 43 9.21 -11.74 3.90
N LYS A 44 10.37 -11.07 3.92
CA LYS A 44 11.57 -11.63 4.55
C LYS A 44 12.34 -10.49 5.22
N VAL A 45 12.79 -10.72 6.44
CA VAL A 45 13.60 -9.76 7.19
C VAL A 45 14.77 -10.51 7.80
N VAL A 46 15.98 -10.01 7.58
CA VAL A 46 17.19 -10.55 8.17
C VAL A 46 17.77 -9.49 9.10
N VAL A 47 18.02 -9.88 10.35
CA VAL A 47 18.62 -8.99 11.34
C VAL A 47 20.00 -9.55 11.66
N THR A 48 21.03 -8.75 11.41
CA THR A 48 22.41 -9.14 11.64
C THR A 48 23.02 -8.22 12.71
N ARG A 49 23.75 -8.83 13.65
CA ARG A 49 24.53 -8.09 14.65
C ARG A 49 25.99 -8.44 14.41
N PRO A 50 26.68 -7.70 13.55
CA PRO A 50 28.06 -8.06 13.19
C PRO A 50 29.00 -8.00 14.39
N GLY A 51 29.60 -9.14 14.71
CA GLY A 51 30.53 -9.24 15.81
C GLY A 51 29.91 -9.28 17.19
N GLY A 52 28.60 -9.47 17.29
CA GLY A 52 27.94 -9.43 18.58
C GLY A 52 27.94 -8.07 19.25
N GLU A 53 28.25 -7.01 18.51
CA GLU A 53 28.35 -5.66 19.05
C GLU A 53 26.96 -5.04 19.08
N GLN A 54 26.43 -4.81 20.27
CA GLN A 54 25.12 -4.18 20.41
C GLN A 54 25.14 -2.77 19.80
N GLY A 55 23.97 -2.31 19.38
CA GLY A 55 23.84 -1.03 18.71
C GLY A 55 24.25 -1.02 17.25
N LYS A 56 24.96 -2.05 16.78
CA LYS A 56 25.40 -2.11 15.40
C LYS A 56 24.55 -3.07 14.57
N GLU A 57 23.34 -3.38 15.02
CA GLU A 57 22.48 -4.31 14.30
C GLU A 57 22.03 -3.69 12.98
N VAL A 58 21.83 -4.54 11.98
CA VAL A 58 21.37 -4.14 10.66
C VAL A 58 20.10 -4.90 10.33
N ILE A 59 19.06 -4.19 9.91
CA ILE A 59 17.77 -4.78 9.58
C ILE A 59 17.57 -4.66 8.09
N ASP A 60 17.45 -5.81 7.41
CA ASP A 60 17.21 -5.88 5.98
C ASP A 60 15.88 -6.54 5.72
N GLY A 61 15.02 -5.86 4.98
CA GLY A 61 13.71 -6.39 4.62
C GLY A 61 13.57 -6.51 3.11
N TYR A 62 12.93 -7.59 2.67
CA TYR A 62 12.69 -7.84 1.26
C TYR A 62 11.22 -8.18 1.04
N GLY A 63 10.65 -7.61 -0.03
CA GLY A 63 9.28 -7.91 -0.41
C GLY A 63 9.08 -7.47 -1.84
N LYS A 64 7.86 -7.66 -2.34
CA LYS A 64 7.49 -7.29 -3.70
C LYS A 64 6.19 -6.51 -3.70
N PRO A 65 6.20 -5.26 -3.19
CA PRO A 65 7.35 -4.65 -2.52
C PRO A 65 7.22 -4.69 -1.00
N ALA A 66 8.32 -4.40 -0.31
CA ALA A 66 8.25 -4.19 1.12
C ALA A 66 7.78 -2.76 1.34
N THR A 67 7.13 -2.51 2.48
CA THR A 67 6.58 -1.18 2.72
C THR A 67 7.13 -0.58 4.01
N PHE A 68 7.07 0.76 4.07
CA PHE A 68 7.61 1.55 5.16
C PHE A 68 6.60 2.63 5.55
N TYR A 69 6.52 2.92 6.85
CA TYR A 69 5.63 3.94 7.38
C TYR A 69 6.31 4.63 8.55
N GLN A 70 6.07 5.93 8.70
CA GLN A 70 6.46 6.65 9.91
C GLN A 70 5.63 7.92 10.03
N MET A 71 5.22 8.23 11.25
CA MET A 71 4.64 9.53 11.54
C MET A 71 5.74 10.56 11.77
N GLN A 72 5.55 11.76 11.23
CA GLN A 72 6.50 12.84 11.41
C GLN A 72 6.06 13.75 12.55
N ASP A 73 6.99 14.55 13.05
CA ASP A 73 6.66 15.54 14.08
C ASP A 73 5.62 16.53 13.58
N ASN A 74 5.60 16.81 12.28
CA ASN A 74 4.65 17.77 11.73
C ASN A 74 3.26 17.18 11.51
N GLY A 75 3.03 15.92 11.91
CA GLY A 75 1.72 15.31 11.79
C GLY A 75 1.44 14.65 10.45
N LYS A 76 2.33 14.82 9.46
CA LYS A 76 2.14 14.20 8.15
C LYS A 76 2.83 12.85 8.11
N PRO A 77 2.12 11.76 7.83
CA PRO A 77 2.79 10.46 7.69
C PRO A 77 3.67 10.41 6.45
N VAL A 78 4.69 9.57 6.51
CA VAL A 78 5.56 9.25 5.39
C VAL A 78 5.38 7.78 5.05
N GLU A 79 5.20 7.47 3.77
CA GLU A 79 5.00 6.10 3.33
C GLU A 79 5.87 5.82 2.12
N GLY A 80 6.39 4.59 2.03
CA GLY A 80 7.22 4.21 0.91
C GLY A 80 7.20 2.71 0.66
N HIS A 81 7.67 2.34 -0.53
CA HIS A 81 7.84 0.94 -0.83
C HIS A 81 9.07 0.77 -1.72
N ALA A 82 9.62 -0.43 -1.67
CA ALA A 82 10.81 -0.80 -2.43
C ALA A 82 10.97 -2.31 -2.36
N SER A 83 11.85 -2.84 -3.22
CA SER A 83 12.16 -4.26 -3.14
C SER A 83 12.93 -4.60 -1.88
N GLN A 84 13.75 -3.68 -1.38
CA GLN A 84 14.57 -3.91 -0.20
C GLN A 84 14.55 -2.70 0.72
N MET A 85 14.45 -2.98 2.02
CA MET A 85 14.58 -1.98 3.07
C MET A 85 15.85 -2.28 3.86
N HIS A 86 16.72 -1.27 3.97
CA HIS A 86 17.98 -1.40 4.69
C HIS A 86 18.01 -0.35 5.80
N TYR A 87 18.03 -0.81 7.05
CA TYR A 87 17.97 0.08 8.21
C TYR A 87 19.09 -0.30 9.18
N GLU A 88 20.13 0.52 9.24
CA GLU A 88 21.21 0.36 10.20
C GLU A 88 20.87 1.18 11.45
N LEU A 89 20.82 0.53 12.60
CA LEU A 89 20.40 1.21 13.82
C LEU A 89 21.39 2.28 14.23
N ALA A 90 22.70 2.02 14.04
CA ALA A 90 23.71 3.02 14.37
C ALA A 90 23.51 4.30 13.57
N LYS A 91 23.06 4.17 12.32
CA LYS A 91 22.80 5.33 11.48
C LYS A 91 21.39 5.86 11.76
N ASP A 92 21.07 7.00 11.15
CA ASP A 92 19.81 7.67 11.38
C ASP A 92 18.87 7.58 10.18
N PHE A 93 19.09 6.62 9.28
CA PHE A 93 18.33 6.62 8.05
C PHE A 93 18.05 5.19 7.60
N VAL A 94 17.01 5.06 6.77
CA VAL A 94 16.68 3.82 6.09
C VAL A 94 16.92 4.04 4.59
N VAL A 95 17.29 2.96 3.91
CA VAL A 95 17.61 2.99 2.49
C VAL A 95 16.64 2.11 1.74
N LEU A 96 16.01 2.66 0.71
CA LEU A 96 15.03 1.96 -0.13
C LEU A 96 15.66 1.73 -1.50
N THR A 97 15.78 0.47 -1.91
CA THR A 97 16.43 0.12 -3.16
C THR A 97 15.54 -0.76 -4.02
N GLY A 98 15.60 -0.55 -5.33
CA GLY A 98 14.81 -1.30 -6.27
C GLY A 98 13.38 -0.83 -6.32
N ASN A 99 13.03 -0.06 -7.36
CA ASN A 99 11.68 0.47 -7.55
C ASN A 99 11.25 1.31 -6.36
N ALA A 100 12.18 2.12 -5.85
CA ALA A 100 11.95 2.84 -4.60
C ALA A 100 10.99 3.99 -4.80
N TYR A 101 10.03 4.12 -3.88
CA TYR A 101 9.03 5.18 -3.90
C TYR A 101 8.77 5.66 -2.49
N LEU A 102 8.64 6.97 -2.31
CA LEU A 102 8.40 7.57 -1.01
C LEU A 102 7.45 8.74 -1.16
N GLN A 103 6.52 8.88 -0.22
CA GLN A 103 5.50 9.92 -0.32
C GLN A 103 5.16 10.47 1.07
N GLN A 104 4.50 11.63 1.06
CA GLN A 104 4.06 12.31 2.27
C GLN A 104 2.58 12.60 2.14
N VAL A 105 1.82 12.33 3.20
CA VAL A 105 0.36 12.47 3.19
C VAL A 105 -0.02 13.73 3.95
N ASP A 106 -0.86 14.58 3.34
CA ASP A 106 -1.24 15.85 3.95
C ASP A 106 -2.69 15.90 4.42
N SER A 107 -3.45 14.82 4.23
CA SER A 107 -4.86 14.81 4.61
C SER A 107 -5.39 13.39 4.49
N ASN A 108 -6.31 13.02 5.39
CA ASN A 108 -6.89 11.68 5.33
C ASN A 108 -8.19 11.66 6.12
N ILE A 109 -8.96 10.59 5.93
CA ILE A 109 -10.22 10.43 6.61
C ILE A 109 -10.59 8.95 6.63
N LYS A 110 -11.30 8.54 7.68
CA LYS A 110 -11.74 7.17 7.89
C LYS A 110 -13.26 7.14 8.00
N GLY A 111 -13.83 5.95 7.81
CA GLY A 111 -15.27 5.80 7.93
C GLY A 111 -15.68 4.40 7.54
N ASP A 112 -16.98 4.15 7.71
CA ASP A 112 -17.56 2.89 7.25
C ASP A 112 -17.93 2.95 5.77
N LYS A 113 -18.27 4.15 5.29
CA LYS A 113 -18.58 4.37 3.89
C LYS A 113 -17.94 5.70 3.48
N ILE A 114 -17.28 5.71 2.32
CA ILE A 114 -16.69 6.92 1.78
C ILE A 114 -17.00 6.99 0.29
N THR A 115 -17.59 8.10 -0.14
CA THR A 115 -17.76 8.39 -1.56
C THR A 115 -16.67 9.36 -2.00
N TYR A 116 -16.25 9.23 -3.26
CA TYR A 116 -15.20 10.08 -3.81
C TYR A 116 -15.44 10.26 -5.30
N LEU A 117 -15.45 11.52 -5.75
CA LEU A 117 -15.73 11.85 -7.13
C LEU A 117 -14.49 11.61 -8.01
N VAL A 118 -14.62 10.73 -9.00
CA VAL A 118 -13.53 10.48 -9.94
C VAL A 118 -13.53 11.45 -11.12
N LYS A 119 -14.50 12.36 -11.17
CA LYS A 119 -14.48 13.49 -12.10
C LYS A 119 -14.27 14.78 -11.31
N GLU A 120 -13.60 15.75 -11.92
CA GLU A 120 -13.35 17.01 -11.24
C GLU A 120 -14.62 17.88 -11.26
N GLN A 121 -14.88 18.54 -10.15
CA GLN A 121 -16.04 19.42 -10.07
C GLN A 121 -15.80 20.69 -10.89
N LYS A 122 -16.89 21.31 -11.34
CA LYS A 122 -16.84 22.53 -12.12
C LYS A 122 -17.29 23.72 -11.27
N MET A 123 -16.67 24.87 -11.52
CA MET A 123 -17.02 26.08 -10.78
C MET A 123 -18.49 26.42 -10.96
N GLN A 124 -19.19 26.62 -9.85
CA GLN A 124 -20.62 26.91 -9.85
C GLN A 124 -20.82 28.40 -9.55
N ALA A 125 -21.06 29.19 -10.59
CA ALA A 125 -21.25 30.62 -10.44
C ALA A 125 -22.23 31.10 -11.50
N PHE A 126 -23.06 32.07 -11.13
CA PHE A 126 -24.01 32.65 -12.06
C PHE A 126 -24.19 34.13 -11.74
N SER A 127 -24.28 34.94 -12.78
CA SER A 127 -24.41 36.38 -12.62
C SER A 127 -25.87 36.82 -12.73
N LYS B 3 22.03 6.57 19.07
CA LYS B 3 22.57 6.79 20.40
C LYS B 3 22.78 5.47 21.13
N LYS B 4 21.95 5.20 22.14
CA LYS B 4 22.08 3.97 22.91
C LYS B 4 21.47 2.79 22.14
N PRO B 5 21.99 1.58 22.33
CA PRO B 5 21.38 0.41 21.70
C PRO B 5 20.00 0.12 22.28
N VAL B 6 19.10 -0.33 21.41
CA VAL B 6 17.72 -0.58 21.81
C VAL B 6 17.45 -2.08 21.85
N PRO B 7 16.60 -2.56 22.75
CA PRO B 7 16.22 -3.97 22.73
C PRO B 7 15.59 -4.36 21.39
N ILE B 8 15.89 -5.57 20.96
CA ILE B 8 15.30 -6.16 19.75
C ILE B 8 14.50 -7.38 20.21
N ILE B 9 13.18 -7.30 20.11
CA ILE B 9 12.27 -8.33 20.60
C ILE B 9 11.48 -8.86 19.42
N TYR B 10 11.54 -10.17 19.21
CA TYR B 10 10.74 -10.82 18.17
C TYR B 10 9.82 -11.86 18.79
N CYS B 11 8.68 -12.08 18.15
CA CYS B 11 7.62 -12.91 18.71
C CYS B 11 7.11 -13.89 17.67
N ASN B 12 6.67 -15.05 18.14
CA ASN B 12 6.08 -16.07 17.29
C ASN B 12 4.58 -15.87 17.22
N ARG B 13 4.07 -15.74 16.00
CA ARG B 13 2.64 -15.48 15.81
C ARG B 13 1.79 -16.70 16.17
N ARG B 14 2.34 -17.90 16.04
CA ARG B 14 1.57 -19.10 16.35
C ARG B 14 1.50 -19.37 17.85
N THR B 15 2.54 -19.03 18.61
CA THR B 15 2.60 -19.34 20.03
C THR B 15 2.46 -18.12 20.93
N GLY B 16 2.61 -16.91 20.38
CA GLY B 16 2.65 -15.72 21.22
C GLY B 16 3.91 -15.53 22.02
N LYS B 17 4.87 -16.44 21.92
CA LYS B 17 6.10 -16.33 22.69
C LYS B 17 7.03 -15.29 22.09
N CYS B 18 7.74 -14.58 22.96
CA CYS B 18 8.69 -13.55 22.56
C CYS B 18 10.03 -13.85 23.20
N GLN B 19 11.10 -13.45 22.52
CA GLN B 19 12.42 -13.53 23.12
C GLN B 19 13.27 -12.36 22.64
N ARG B 20 14.06 -11.83 23.56
CA ARG B 20 15.04 -10.80 23.23
C ARG B 20 16.17 -11.38 22.41
N MET B 21 16.49 -10.73 21.29
CA MET B 21 17.61 -11.15 20.46
C MET B 21 18.95 -10.82 21.14
N VAL C 1 -7.70 12.53 -13.01
CA VAL C 1 -7.52 13.73 -13.84
C VAL C 1 -8.66 13.83 -14.84
N THR C 2 -8.89 15.05 -15.32
CA THR C 2 -9.90 15.29 -16.34
C THR C 2 -9.65 14.37 -17.54
N GLY C 3 -10.68 13.65 -17.93
CA GLY C 3 -10.58 12.68 -19.00
C GLY C 3 -10.46 11.23 -18.58
N ASP C 4 -10.20 10.97 -17.28
CA ASP C 4 -10.09 9.57 -16.83
C ASP C 4 -11.35 8.79 -17.16
N THR C 5 -12.52 9.38 -16.93
CA THR C 5 -13.76 8.65 -17.11
C THR C 5 -14.17 8.52 -18.58
N ASP C 6 -13.36 9.04 -19.51
CA ASP C 6 -13.54 8.82 -20.93
C ASP C 6 -12.64 7.72 -21.48
N GLN C 7 -11.78 7.15 -20.64
CA GLN C 7 -10.78 6.17 -21.03
C GLN C 7 -11.38 4.76 -21.01
N PRO C 8 -10.84 3.86 -21.83
CA PRO C 8 -11.24 2.46 -21.74
C PRO C 8 -10.87 1.89 -20.38
N ILE C 9 -11.59 0.84 -20.00
CA ILE C 9 -11.34 0.15 -18.74
C ILE C 9 -10.59 -1.13 -19.04
N HIS C 10 -9.52 -1.37 -18.27
CA HIS C 10 -8.68 -2.55 -18.42
C HIS C 10 -8.68 -3.34 -17.13
N ILE C 11 -8.90 -4.65 -17.24
CA ILE C 11 -8.94 -5.55 -16.10
C ILE C 11 -7.95 -6.68 -16.34
N GLU C 12 -7.15 -6.99 -15.33
CA GLU C 12 -6.22 -8.12 -15.40
C GLU C 12 -6.38 -8.97 -14.14
N SER C 13 -6.36 -10.29 -14.30
CA SER C 13 -6.56 -11.18 -13.17
C SER C 13 -6.01 -12.56 -13.51
N ASP C 14 -5.84 -13.38 -12.47
CA ASP C 14 -5.45 -14.77 -12.67
C ASP C 14 -6.57 -15.57 -13.33
N GLN C 15 -7.75 -15.55 -12.73
CA GLN C 15 -8.91 -16.31 -13.20
C GLN C 15 -10.04 -15.39 -13.65
N GLN C 16 -10.84 -15.90 -14.59
CA GLN C 16 -11.91 -15.17 -15.25
C GLN C 16 -13.03 -16.15 -15.56
N SER C 17 -14.26 -15.80 -15.21
CA SER C 17 -15.38 -16.69 -15.50
C SER C 17 -16.63 -15.89 -15.82
N LEU C 18 -17.41 -16.41 -16.75
CA LEU C 18 -18.62 -15.78 -17.24
C LEU C 18 -19.83 -16.63 -16.86
N ASP C 19 -20.94 -15.99 -16.51
CA ASP C 19 -22.15 -16.76 -16.28
C ASP C 19 -22.85 -17.05 -17.59
N MET C 20 -23.77 -18.01 -17.57
CA MET C 20 -24.36 -18.52 -18.80
C MET C 20 -25.14 -17.45 -19.55
N GLN C 21 -25.96 -16.67 -18.83
CA GLN C 21 -26.76 -15.65 -19.49
C GLN C 21 -25.88 -14.57 -20.14
N GLY C 22 -24.71 -14.31 -19.57
CA GLY C 22 -23.67 -13.54 -20.24
C GLY C 22 -23.49 -12.10 -19.79
N ASN C 23 -24.23 -11.64 -18.79
CA ASN C 23 -24.14 -10.24 -18.38
C ASN C 23 -23.30 -10.02 -17.13
N VAL C 24 -22.69 -11.07 -16.57
CA VAL C 24 -21.86 -10.95 -15.38
C VAL C 24 -20.54 -11.68 -15.64
N VAL C 25 -19.43 -10.99 -15.39
CA VAL C 25 -18.10 -11.58 -15.48
C VAL C 25 -17.44 -11.42 -14.11
N THR C 26 -16.79 -12.49 -13.65
CA THR C 26 -16.10 -12.50 -12.38
C THR C 26 -14.61 -12.68 -12.60
N PHE C 27 -13.80 -11.86 -11.94
CA PHE C 27 -12.35 -11.94 -11.99
C PHE C 27 -11.85 -12.22 -10.59
N THR C 28 -10.92 -13.17 -10.46
CA THR C 28 -10.33 -13.47 -9.15
C THR C 28 -8.83 -13.60 -9.30
N GLY C 29 -8.12 -13.34 -8.21
CA GLY C 29 -6.68 -13.52 -8.17
C GLY C 29 -5.89 -12.30 -8.60
N ASN C 30 -5.56 -11.44 -7.64
CA ASN C 30 -4.75 -10.25 -7.88
C ASN C 30 -5.29 -9.43 -9.04
N VAL C 31 -6.53 -8.96 -8.87
CA VAL C 31 -7.20 -8.23 -9.93
C VAL C 31 -6.75 -6.77 -9.92
N ILE C 32 -6.46 -6.26 -11.11
CA ILE C 32 -6.09 -4.85 -11.30
C ILE C 32 -7.05 -4.25 -12.31
N VAL C 33 -7.74 -3.18 -11.91
CA VAL C 33 -8.68 -2.44 -12.75
C VAL C 33 -8.12 -1.04 -12.96
N THR C 34 -7.91 -0.65 -14.22
CA THR C 34 -7.37 0.67 -14.53
C THR C 34 -8.26 1.41 -15.52
N GLN C 35 -8.38 2.73 -15.32
CA GLN C 35 -9.07 3.60 -16.26
C GLN C 35 -8.38 4.96 -16.17
N GLY C 36 -7.57 5.30 -17.17
CA GLY C 36 -6.72 6.47 -17.03
C GLY C 36 -5.80 6.27 -15.84
N THR C 37 -5.77 7.27 -14.94
CA THR C 37 -4.97 7.17 -13.73
C THR C 37 -5.67 6.45 -12.60
N ILE C 38 -6.94 6.06 -12.76
CA ILE C 38 -7.63 5.29 -11.74
C ILE C 38 -7.08 3.87 -11.70
N LYS C 39 -6.79 3.38 -10.50
CA LYS C 39 -6.33 2.01 -10.32
C LYS C 39 -7.02 1.41 -9.10
N ILE C 40 -7.68 0.27 -9.30
CA ILE C 40 -8.30 -0.49 -8.23
C ILE C 40 -7.64 -1.87 -8.17
N ASN C 41 -7.21 -2.27 -6.97
CA ASN C 41 -6.68 -3.59 -6.71
C ASN C 41 -7.66 -4.34 -5.81
N ALA C 42 -7.94 -5.60 -6.14
CA ALA C 42 -8.85 -6.40 -5.35
C ALA C 42 -8.56 -7.88 -5.57
N ASP C 43 -9.08 -8.72 -4.66
CA ASP C 43 -8.98 -10.17 -4.84
C ASP C 43 -10.05 -10.69 -5.78
N LYS C 44 -11.23 -10.09 -5.78
CA LYS C 44 -12.32 -10.50 -6.66
C LYS C 44 -13.02 -9.26 -7.18
N VAL C 45 -13.29 -9.24 -8.48
CA VAL C 45 -14.01 -8.14 -9.11
C VAL C 45 -15.15 -8.73 -9.92
N VAL C 46 -16.36 -8.21 -9.72
CA VAL C 46 -17.54 -8.59 -10.48
C VAL C 46 -17.95 -7.39 -11.31
N VAL C 47 -18.16 -7.62 -12.62
CA VAL C 47 -18.54 -6.57 -13.54
C VAL C 47 -19.89 -6.93 -14.12
N THR C 48 -20.92 -6.16 -13.76
CA THR C 48 -22.28 -6.39 -14.23
C THR C 48 -22.66 -5.31 -15.23
N ARG C 49 -23.11 -5.74 -16.40
CA ARG C 49 -23.76 -4.85 -17.37
C ARG C 49 -25.25 -5.16 -17.34
N PRO C 50 -26.02 -4.50 -16.46
CA PRO C 50 -27.44 -4.85 -16.32
C PRO C 50 -28.22 -4.53 -17.58
N GLY C 51 -28.88 -5.54 -18.14
CA GLY C 51 -29.66 -5.40 -19.34
C GLY C 51 -28.87 -5.23 -20.61
N GLY C 52 -27.54 -5.36 -20.56
CA GLY C 52 -26.72 -5.30 -21.75
C GLY C 52 -26.54 -3.93 -22.35
N GLU C 53 -26.98 -2.87 -21.68
CA GLU C 53 -26.84 -1.52 -22.20
C GLU C 53 -25.42 -1.02 -21.93
N GLN C 54 -24.72 -0.65 -23.00
CA GLN C 54 -23.37 -0.12 -22.85
C GLN C 54 -23.42 1.24 -22.14
N GLY C 55 -22.52 1.41 -21.18
CA GLY C 55 -22.46 2.63 -20.39
C GLY C 55 -23.05 2.50 -18.99
N LYS C 56 -23.79 1.43 -18.72
CA LYS C 56 -24.42 1.23 -17.42
C LYS C 56 -23.71 0.17 -16.58
N GLU C 57 -22.47 -0.17 -16.95
CA GLU C 57 -21.75 -1.23 -16.26
C GLU C 57 -21.47 -0.86 -14.81
N VAL C 58 -21.44 -1.87 -13.96
CA VAL C 58 -21.17 -1.71 -12.53
C VAL C 58 -19.97 -2.58 -12.19
N ILE C 59 -19.00 -2.00 -11.50
CA ILE C 59 -17.77 -2.69 -11.12
C ILE C 59 -17.73 -2.83 -9.61
N ASP C 60 -17.65 -4.06 -9.13
CA ASP C 60 -17.59 -4.33 -7.70
C ASP C 60 -16.32 -5.10 -7.39
N GLY C 61 -15.52 -4.57 -6.47
CA GLY C 61 -14.25 -5.17 -6.11
C GLY C 61 -14.24 -5.48 -4.61
N TYR C 62 -13.66 -6.63 -4.28
CA TYR C 62 -13.56 -7.08 -2.89
C TYR C 62 -12.13 -7.48 -2.60
N GLY C 63 -11.65 -7.10 -1.41
CA GLY C 63 -10.31 -7.45 -1.00
C GLY C 63 -10.19 -7.23 0.49
N LYS C 64 -8.99 -7.52 1.02
CA LYS C 64 -8.71 -7.42 2.44
C LYS C 64 -7.42 -6.64 2.68
N PRO C 65 -7.42 -5.33 2.40
CA PRO C 65 -8.52 -4.58 1.80
C PRO C 65 -8.35 -4.45 0.29
N ALA C 66 -9.43 -4.14 -0.43
CA ALA C 66 -9.28 -3.62 -1.78
C ALA C 66 -8.70 -2.21 -1.71
N THR C 67 -8.00 -1.79 -2.76
CA THR C 67 -7.35 -0.48 -2.77
C THR C 67 -7.77 0.34 -3.98
N PHE C 68 -7.66 1.65 -3.83
CA PHE C 68 -8.06 2.61 -4.84
C PHE C 68 -6.96 3.64 -5.00
N TYR C 69 -6.73 4.08 -6.23
CA TYR C 69 -5.78 5.14 -6.54
C TYR C 69 -6.31 6.01 -7.68
N GLN C 70 -6.08 7.32 -7.60
CA GLN C 70 -6.30 8.20 -8.74
C GLN C 70 -5.45 9.45 -8.55
N MET C 71 -4.85 9.92 -9.65
CA MET C 71 -4.21 11.22 -9.67
C MET C 71 -5.25 12.30 -9.92
N GLN C 72 -5.11 13.42 -9.21
CA GLN C 72 -5.99 14.56 -9.37
C GLN C 72 -5.36 15.63 -10.27
N ASP C 73 -6.22 16.51 -10.79
CA ASP C 73 -5.74 17.63 -11.60
C ASP C 73 -4.78 18.55 -10.83
N ASN C 74 -5.01 18.74 -9.53
CA ASN C 74 -4.08 19.59 -8.79
C ASN C 74 -2.73 18.93 -8.55
N GLY C 75 -2.49 17.74 -9.09
CA GLY C 75 -1.22 17.06 -8.98
C GLY C 75 -1.06 16.20 -7.74
N LYS C 76 -2.06 16.16 -6.86
CA LYS C 76 -1.95 15.39 -5.64
C LYS C 76 -2.70 14.08 -5.79
N PRO C 77 -2.02 12.93 -5.67
CA PRO C 77 -2.71 11.64 -5.77
C PRO C 77 -3.68 11.43 -4.61
N VAL C 78 -4.72 10.64 -4.87
CA VAL C 78 -5.63 10.16 -3.84
C VAL C 78 -5.51 8.65 -3.77
N GLU C 79 -5.44 8.12 -2.55
CA GLU C 79 -5.32 6.69 -2.31
C GLU C 79 -6.26 6.28 -1.18
N GLY C 80 -6.81 5.08 -1.29
CA GLY C 80 -7.70 4.60 -0.26
C GLY C 80 -7.80 3.09 -0.27
N HIS C 81 -8.41 2.57 0.79
CA HIS C 81 -8.64 1.14 0.87
C HIS C 81 -9.92 0.89 1.66
N ALA C 82 -10.52 -0.26 1.41
CA ALA C 82 -11.76 -0.68 2.05
C ALA C 82 -12.00 -2.14 1.68
N SER C 83 -12.98 -2.75 2.35
CA SER C 83 -13.31 -4.13 2.01
C SER C 83 -13.98 -4.23 0.63
N GLN C 84 -14.71 -3.19 0.23
CA GLN C 84 -15.42 -3.21 -1.04
C GLN C 84 -15.23 -1.92 -1.82
N MET C 85 -15.10 -2.06 -3.13
CA MET C 85 -15.06 -0.94 -4.06
C MET C 85 -16.29 -1.03 -4.95
N HIS C 86 -17.05 0.06 -5.04
CA HIS C 86 -18.24 0.09 -5.87
C HIS C 86 -18.11 1.25 -6.85
N TYR C 87 -18.12 0.93 -8.14
CA TYR C 87 -17.91 1.93 -9.18
C TYR C 87 -18.97 1.75 -10.27
N GLU C 88 -19.96 2.63 -10.29
CA GLU C 88 -20.96 2.66 -11.34
C GLU C 88 -20.52 3.64 -12.42
N LEU C 89 -20.28 3.12 -13.62
CA LEU C 89 -19.72 3.93 -14.70
C LEU C 89 -20.60 5.14 -15.02
N ALA C 90 -21.91 5.00 -14.91
CA ALA C 90 -22.80 6.10 -15.27
C ALA C 90 -22.68 7.25 -14.28
N LYS C 91 -22.41 6.95 -13.01
CA LYS C 91 -22.12 7.98 -12.02
C LYS C 91 -20.71 8.51 -12.23
N ASP C 92 -20.32 9.46 -11.39
CA ASP C 92 -19.00 10.06 -11.47
C ASP C 92 -18.19 9.83 -10.20
N PHE C 93 -18.53 8.81 -9.42
CA PHE C 93 -17.87 8.58 -8.13
C PHE C 93 -17.80 7.10 -7.84
N VAL C 94 -16.94 6.77 -6.87
CA VAL C 94 -16.79 5.41 -6.37
C VAL C 94 -17.16 5.41 -4.90
N VAL C 95 -17.54 4.23 -4.41
CA VAL C 95 -17.96 4.06 -3.02
C VAL C 95 -17.03 3.06 -2.35
N LEU C 96 -16.47 3.45 -1.22
CA LEU C 96 -15.63 2.58 -0.40
C LEU C 96 -16.42 2.19 0.83
N THR C 97 -16.56 0.89 1.07
CA THR C 97 -17.40 0.37 2.15
C THR C 97 -16.61 -0.64 2.98
N GLY C 98 -16.71 -0.52 4.29
CA GLY C 98 -16.05 -1.45 5.19
C GLY C 98 -14.65 -1.03 5.55
N ASN C 99 -14.48 -0.46 6.74
CA ASN C 99 -13.18 0.03 7.22
C ASN C 99 -12.54 0.96 6.20
N ALA C 100 -13.36 1.82 5.62
CA ALA C 100 -12.94 2.67 4.50
C ALA C 100 -12.00 3.77 4.96
N TYR C 101 -11.02 4.08 4.13
CA TYR C 101 -9.98 5.07 4.41
C TYR C 101 -9.61 5.74 3.09
N LEU C 102 -9.29 7.04 3.18
CA LEU C 102 -8.94 7.83 2.00
C LEU C 102 -7.89 8.86 2.40
N GLN C 103 -6.89 9.05 1.55
CA GLN C 103 -5.83 10.01 1.84
C GLN C 103 -5.42 10.75 0.57
N GLN C 104 -4.79 11.91 0.79
CA GLN C 104 -4.25 12.73 -0.28
C GLN C 104 -2.76 12.93 -0.03
N VAL C 105 -1.98 12.85 -1.10
CA VAL C 105 -0.53 12.93 -1.05
C VAL C 105 -0.09 14.27 -1.61
N ASP C 106 0.76 14.98 -0.87
CA ASP C 106 1.22 16.28 -1.30
C ASP C 106 2.68 16.30 -1.75
N SER C 107 3.40 15.18 -1.63
CA SER C 107 4.80 15.14 -2.01
C SER C 107 5.22 13.69 -2.20
N ASN C 108 6.05 13.43 -3.21
CA ASN C 108 6.59 12.10 -3.41
C ASN C 108 7.90 12.17 -4.17
N ILE C 109 8.65 11.06 -4.12
CA ILE C 109 9.95 10.96 -4.77
C ILE C 109 10.12 9.52 -5.24
N LYS C 110 10.79 9.35 -6.38
CA LYS C 110 11.00 8.04 -6.96
C LYS C 110 12.45 7.93 -7.44
N GLY C 111 12.97 6.70 -7.40
CA GLY C 111 14.32 6.47 -7.85
C GLY C 111 14.69 5.01 -7.66
N ASP C 112 15.93 4.70 -8.05
CA ASP C 112 16.45 3.36 -7.81
C ASP C 112 16.87 3.18 -6.36
N LYS C 113 17.24 4.26 -5.69
CA LYS C 113 17.68 4.21 -4.30
C LYS C 113 17.25 5.50 -3.61
N ILE C 114 16.49 5.38 -2.53
CA ILE C 114 16.04 6.53 -1.76
C ILE C 114 16.52 6.37 -0.33
N THR C 115 17.14 7.42 0.20
CA THR C 115 17.60 7.46 1.58
C THR C 115 16.73 8.44 2.35
N TYR C 116 16.12 7.96 3.43
CA TYR C 116 15.21 8.76 4.24
C TYR C 116 15.72 8.83 5.66
N LEU C 117 15.77 10.05 6.21
CA LEU C 117 16.21 10.24 7.58
C LEU C 117 15.06 9.94 8.55
N VAL C 118 15.26 8.96 9.44
CA VAL C 118 14.22 8.61 10.41
C VAL C 118 14.38 9.30 11.74
N LYS C 119 15.54 9.92 12.00
CA LYS C 119 15.80 10.59 13.27
C LYS C 119 15.38 12.05 13.18
N GLU C 120 14.40 12.43 13.99
CA GLU C 120 13.97 13.80 14.13
C GLU C 120 14.29 14.24 15.56
N GLN C 121 14.61 15.52 15.73
CA GLN C 121 14.93 16.06 17.05
C GLN C 121 14.30 17.44 17.18
N LYS C 122 12.98 17.48 17.39
CA LYS C 122 12.29 18.74 17.60
C LYS C 122 12.67 19.39 18.92
N MET C 123 13.12 18.61 19.89
CA MET C 123 13.55 19.16 21.16
C MET C 123 14.72 18.33 21.69
N GLN C 124 15.53 18.96 22.54
CA GLN C 124 16.69 18.32 23.13
C GLN C 124 16.80 18.73 24.59
N ALA C 125 17.12 17.78 25.46
CA ALA C 125 17.25 18.04 26.89
C ALA C 125 18.69 17.79 27.32
N PHE C 126 19.24 18.72 28.09
CA PHE C 126 20.62 18.65 28.58
C PHE C 126 20.62 18.76 30.09
N SER C 127 21.25 17.79 30.75
CA SER C 127 21.29 17.77 32.21
C SER C 127 22.65 17.30 32.71
N LYS D 3 -19.79 10.54 -20.07
CA LYS D 3 -20.26 11.29 -21.23
C LYS D 3 -20.59 10.36 -22.40
N LYS D 4 -19.94 9.19 -22.41
CA LYS D 4 -20.12 8.21 -23.47
C LYS D 4 -19.68 6.85 -22.92
N PRO D 5 -20.22 5.75 -23.47
CA PRO D 5 -19.78 4.43 -23.00
C PRO D 5 -18.34 4.14 -23.39
N VAL D 6 -17.61 3.50 -22.48
CA VAL D 6 -16.20 3.19 -22.72
C VAL D 6 -16.05 1.68 -22.92
N PRO D 7 -15.14 1.25 -23.78
CA PRO D 7 -14.88 -0.19 -23.91
C PRO D 7 -14.31 -0.76 -22.61
N ILE D 8 -14.65 -2.02 -22.36
CA ILE D 8 -14.12 -2.75 -21.22
C ILE D 8 -13.30 -3.91 -21.77
N ILE D 9 -12.01 -3.92 -21.47
CA ILE D 9 -11.09 -4.95 -21.93
C ILE D 9 -10.52 -5.66 -20.71
N TYR D 10 -10.45 -6.99 -20.77
CA TYR D 10 -9.76 -7.74 -19.74
C TYR D 10 -8.73 -8.66 -20.37
N CYS D 11 -7.67 -8.94 -19.60
CA CYS D 11 -6.58 -9.79 -20.04
C CYS D 11 -6.39 -10.92 -19.05
N ASN D 12 -6.16 -12.13 -19.58
CA ASN D 12 -5.77 -13.26 -18.77
C ASN D 12 -4.29 -13.13 -18.44
N ARG D 13 -3.98 -12.94 -17.16
CA ARG D 13 -2.58 -12.79 -16.76
C ARG D 13 -1.78 -14.05 -17.08
N ARG D 14 -2.42 -15.21 -17.08
CA ARG D 14 -1.73 -16.45 -17.40
C ARG D 14 -1.26 -16.46 -18.84
N THR D 15 -2.18 -16.29 -19.79
CA THR D 15 -1.87 -16.41 -21.21
C THR D 15 -1.55 -15.08 -21.88
N GLY D 16 -1.86 -13.95 -21.26
CA GLY D 16 -1.68 -12.68 -21.92
C GLY D 16 -2.68 -12.36 -22.99
N LYS D 17 -3.76 -13.13 -23.11
CA LYS D 17 -4.78 -12.89 -24.12
C LYS D 17 -5.85 -11.93 -23.59
N CYS D 18 -6.23 -10.96 -24.42
CA CYS D 18 -7.19 -9.93 -24.05
C CYS D 18 -8.38 -9.98 -25.01
N GLN D 19 -9.50 -9.39 -24.56
CA GLN D 19 -10.71 -9.33 -25.37
C GLN D 19 -11.67 -8.32 -24.75
N ARG D 20 -12.56 -7.80 -25.60
CA ARG D 20 -13.59 -6.88 -25.17
C ARG D 20 -14.67 -7.61 -24.38
N MET D 21 -15.59 -6.84 -23.80
CA MET D 21 -16.72 -7.40 -23.07
C MET D 21 -17.84 -6.37 -22.93
#